data_1TJE
#
_entry.id   1TJE
#
_cell.length_a   43.566
_cell.length_b   45.243
_cell.length_c   116.602
_cell.angle_alpha   90.00
_cell.angle_beta   90.00
_cell.angle_gamma   90.00
#
_symmetry.space_group_name_H-M   'P 21 21 21'
#
loop_
_entity.id
_entity.type
_entity.pdbx_description
1 polymer 'Threonyl-tRNA synthetase'
2 water water
#
_entity_poly.entity_id   1
_entity_poly.type   'polypeptide(L)'
_entity_poly.pdbx_seq_one_letter_code
;MPVITLPDGSQRHYDHAVSPMDVALDIGPGLAKACIAGRVNGELVDACDLIENDAQLSIITAKDEEGLEIIRHSCAHLLG
HAIKQLWPHTKMAIGPVIDNGFYYDVDLDRTLTQEDVEALEKRMHELAEKNYDVIKKKVSWHEARETFANRGESYKVSIL
DENIAHDDKPGLYFHEEYVDMCRGPHVPNMRFCHHFKLMKTAGAYWRGDSNNKMLQRIYGTAWA
;
_entity_poly.pdbx_strand_id   A
#
# COMPACT_ATOMS: atom_id res chain seq x y z
N MET A 1 -24.18 11.58 -10.50
CA MET A 1 -25.14 11.78 -9.37
C MET A 1 -25.42 10.44 -8.69
N PRO A 2 -24.42 9.87 -8.03
CA PRO A 2 -24.58 8.59 -7.35
C PRO A 2 -25.44 8.61 -6.11
N VAL A 3 -26.21 7.54 -5.92
CA VAL A 3 -27.04 7.39 -4.74
C VAL A 3 -26.25 6.36 -3.92
N ILE A 4 -25.82 6.76 -2.74
CA ILE A 4 -25.03 5.90 -1.87
C ILE A 4 -25.85 5.30 -0.74
N THR A 5 -25.92 3.97 -0.69
CA THR A 5 -26.66 3.28 0.35
C THR A 5 -25.70 2.63 1.33
N LEU A 6 -25.93 2.88 2.62
CA LEU A 6 -25.08 2.31 3.67
C LEU A 6 -25.67 1.02 4.22
N PRO A 7 -24.86 0.23 4.94
CA PRO A 7 -25.31 -1.05 5.51
C PRO A 7 -26.60 -0.99 6.31
N ASP A 8 -26.86 0.14 6.98
CA ASP A 8 -28.06 0.28 7.79
C ASP A 8 -29.30 0.67 7.00
N GLY A 9 -29.15 0.77 5.69
CA GLY A 9 -30.28 1.11 4.84
C GLY A 9 -30.44 2.59 4.55
N SER A 10 -29.73 3.44 5.28
CA SER A 10 -29.83 4.87 5.05
C SER A 10 -29.24 5.17 3.68
N GLN A 11 -29.81 6.17 3.01
CA GLN A 11 -29.34 6.53 1.68
C GLN A 11 -28.96 7.99 1.59
N ARG A 12 -27.94 8.26 0.77
CA ARG A 12 -27.46 9.61 0.57
C ARG A 12 -27.38 9.90 -0.92
N HIS A 13 -28.14 10.90 -1.35
CA HIS A 13 -28.16 11.30 -2.74
C HIS A 13 -27.11 12.38 -2.95
N TYR A 14 -26.21 12.16 -3.90
CA TYR A 14 -25.19 13.14 -4.20
C TYR A 14 -25.31 13.55 -5.66
N ASP A 15 -24.99 14.79 -5.96
CA ASP A 15 -25.07 15.27 -7.34
C ASP A 15 -23.66 15.40 -7.94
N HIS A 16 -22.70 14.79 -7.26
CA HIS A 16 -21.31 14.79 -7.72
C HIS A 16 -20.65 13.55 -7.12
N ALA A 17 -19.59 13.09 -7.77
CA ALA A 17 -18.87 11.92 -7.29
C ALA A 17 -18.32 12.18 -5.89
N VAL A 18 -18.36 11.16 -5.05
CA VAL A 18 -17.85 11.26 -3.69
C VAL A 18 -17.04 10.03 -3.37
N SER A 19 -16.11 10.18 -2.44
CA SER A 19 -15.27 9.06 -2.04
C SER A 19 -15.79 8.49 -0.73
N PRO A 20 -15.32 7.28 -0.36
CA PRO A 20 -15.77 6.70 0.91
C PRO A 20 -15.44 7.67 2.04
N MET A 21 -14.28 8.32 1.98
CA MET A 21 -13.90 9.25 3.03
C MET A 21 -14.87 10.44 3.07
N ASP A 22 -15.30 10.91 1.91
CA ASP A 22 -16.25 12.03 1.87
C ASP A 22 -17.54 11.65 2.58
N VAL A 23 -18.02 10.43 2.31
CA VAL A 23 -19.26 9.98 2.93
C VAL A 23 -19.07 9.77 4.43
N ALA A 24 -17.92 9.22 4.82
CA ALA A 24 -17.64 9.00 6.24
C ALA A 24 -17.70 10.32 6.99
N LEU A 25 -17.09 11.35 6.41
CA LEU A 25 -17.07 12.68 7.02
C LEU A 25 -18.49 13.24 7.15
N ASP A 26 -19.33 12.96 6.16
CA ASP A 26 -20.70 13.45 6.19
C ASP A 26 -21.48 12.80 7.33
N ILE A 27 -21.12 11.56 7.65
CA ILE A 27 -21.81 10.86 8.73
C ILE A 27 -21.35 11.35 10.10
N GLY A 28 -20.04 11.50 10.28
CA GLY A 28 -19.53 11.97 11.56
C GLY A 28 -18.01 12.04 11.65
N PRO A 29 -17.47 12.83 12.57
CA PRO A 29 -16.01 12.95 12.71
C PRO A 29 -15.34 11.64 13.13
N GLY A 30 -16.01 10.88 13.99
CA GLY A 30 -15.46 9.63 14.46
C GLY A 30 -15.30 8.61 13.34
N LEU A 31 -16.31 8.49 12.49
CA LEU A 31 -16.24 7.54 11.39
C LEU A 31 -15.15 7.90 10.40
N ALA A 32 -15.00 9.19 10.13
CA ALA A 32 -13.98 9.65 9.20
C ALA A 32 -12.59 9.37 9.74
N LYS A 33 -12.43 9.53 11.04
CA LYS A 33 -11.14 9.29 11.70
C LYS A 33 -10.77 7.81 11.69
N ALA A 34 -11.78 6.95 11.78
CA ALA A 34 -11.57 5.51 11.80
C ALA A 34 -11.45 4.90 10.41
N CYS A 35 -11.94 5.62 9.40
CA CYS A 35 -11.92 5.11 8.02
C CYS A 35 -10.55 4.82 7.44
N ILE A 36 -10.35 3.57 7.03
CA ILE A 36 -9.10 3.13 6.42
C ILE A 36 -9.33 2.94 4.92
N ALA A 37 -10.51 2.41 4.58
CA ALA A 37 -10.85 2.15 3.18
C ALA A 37 -12.35 1.98 3.03
N GLY A 38 -12.80 1.53 1.87
CA GLY A 38 -14.21 1.31 1.68
C GLY A 38 -14.48 0.14 0.78
N ARG A 39 -15.73 -0.32 0.78
CA ARG A 39 -16.13 -1.41 -0.10
C ARG A 39 -17.28 -0.82 -0.88
N VAL A 40 -17.13 -0.76 -2.19
CA VAL A 40 -18.11 -0.18 -3.09
C VAL A 40 -18.64 -1.28 -4.01
N ASN A 41 -19.93 -1.58 -3.85
CA ASN A 41 -20.56 -2.63 -4.64
C ASN A 41 -19.78 -3.93 -4.58
N GLY A 42 -19.35 -4.27 -3.37
CA GLY A 42 -18.61 -5.49 -3.14
C GLY A 42 -17.09 -5.44 -3.34
N GLU A 43 -16.59 -4.35 -3.92
CA GLU A 43 -15.15 -4.27 -4.17
C GLU A 43 -14.42 -3.32 -3.24
N LEU A 44 -13.28 -3.77 -2.70
CA LEU A 44 -12.49 -2.92 -1.82
C LEU A 44 -11.84 -1.83 -2.66
N VAL A 45 -11.91 -0.60 -2.16
CA VAL A 45 -11.33 0.55 -2.83
C VAL A 45 -10.66 1.43 -1.80
N ASP A 46 -9.81 2.34 -2.24
CA ASP A 46 -9.17 3.25 -1.30
C ASP A 46 -10.17 4.28 -0.82
N ALA A 47 -9.91 4.85 0.34
CA ALA A 47 -10.82 5.83 0.91
C ALA A 47 -10.96 7.07 0.03
N CYS A 48 -9.98 7.31 -0.82
CA CYS A 48 -10.01 8.48 -1.70
C CYS A 48 -10.59 8.23 -3.08
N ASP A 49 -10.91 6.98 -3.40
CA ASP A 49 -11.46 6.65 -4.72
C ASP A 49 -12.87 7.19 -4.91
N LEU A 50 -13.09 7.86 -6.03
CA LEU A 50 -14.39 8.45 -6.32
C LEU A 50 -15.44 7.45 -6.77
N ILE A 51 -16.65 7.60 -6.22
CA ILE A 51 -17.78 6.75 -6.55
C ILE A 51 -18.60 7.63 -7.50
N GLU A 52 -18.66 7.24 -8.76
CA GLU A 52 -19.37 8.00 -9.80
C GLU A 52 -20.85 7.68 -9.91
N ASN A 53 -21.20 6.41 -9.75
CA ASN A 53 -22.58 5.96 -9.86
C ASN A 53 -23.11 5.29 -8.60
N ASP A 54 -24.43 5.12 -8.54
CA ASP A 54 -25.09 4.50 -7.40
C ASP A 54 -24.30 3.30 -6.90
N ALA A 55 -24.33 3.07 -5.60
CA ALA A 55 -23.59 1.95 -5.03
C ALA A 55 -23.90 1.69 -3.56
N GLN A 56 -23.61 0.45 -3.16
CA GLN A 56 -23.77 0.03 -1.77
C GLN A 56 -22.36 0.32 -1.22
N LEU A 57 -22.29 1.04 -0.11
CA LEU A 57 -21.00 1.39 0.49
C LEU A 57 -20.87 1.03 1.95
N SER A 58 -19.71 0.53 2.34
CA SER A 58 -19.45 0.25 3.74
C SER A 58 -18.05 0.79 3.97
N ILE A 59 -17.84 1.29 5.18
CA ILE A 59 -16.56 1.87 5.58
C ILE A 59 -15.73 0.81 6.31
N ILE A 60 -14.49 0.63 5.86
CA ILE A 60 -13.57 -0.34 6.46
C ILE A 60 -12.72 0.38 7.51
N THR A 61 -12.62 -0.20 8.71
CA THR A 61 -11.85 0.39 9.79
C THR A 61 -10.88 -0.65 10.33
N ALA A 62 -10.07 -0.26 11.32
CA ALA A 62 -9.11 -1.18 11.92
C ALA A 62 -9.78 -2.34 12.65
N LYS A 63 -11.10 -2.27 12.81
CA LYS A 63 -11.83 -3.34 13.48
C LYS A 63 -12.21 -4.45 12.50
N ASP A 64 -12.04 -4.19 11.20
CA ASP A 64 -12.36 -5.16 10.16
C ASP A 64 -11.12 -5.97 9.79
N GLU A 65 -11.34 -7.24 9.40
CA GLU A 65 -10.24 -8.11 9.02
C GLU A 65 -9.55 -7.49 7.80
N GLU A 66 -10.34 -6.86 6.94
CA GLU A 66 -9.78 -6.22 5.75
C GLU A 66 -8.88 -5.06 6.15
N GLY A 67 -9.23 -4.37 7.24
CA GLY A 67 -8.43 -3.25 7.70
C GLY A 67 -7.06 -3.70 8.14
N LEU A 68 -7.01 -4.82 8.87
CA LEU A 68 -5.73 -5.36 9.34
C LEU A 68 -4.85 -5.70 8.14
N GLU A 69 -5.43 -6.33 7.13
CA GLU A 69 -4.67 -6.70 5.94
C GLU A 69 -4.10 -5.48 5.23
N ILE A 70 -4.90 -4.42 5.12
CA ILE A 70 -4.47 -3.20 4.48
C ILE A 70 -3.31 -2.55 5.30
N ILE A 71 -3.43 -2.57 6.63
CA ILE A 71 -2.37 -2.04 7.49
C ILE A 71 -1.06 -2.80 7.22
N ARG A 72 -1.16 -4.12 7.13
CA ARG A 72 0.01 -4.93 6.87
C ARG A 72 0.62 -4.63 5.52
N HIS A 73 -0.22 -4.47 4.50
CA HIS A 73 0.27 -4.18 3.18
C HIS A 73 0.96 -2.82 3.15
N SER A 74 0.39 -1.84 3.84
CA SER A 74 1.00 -0.52 3.87
C SER A 74 2.32 -0.54 4.64
N CYS A 75 2.47 -1.47 5.58
CA CYS A 75 3.74 -1.56 6.28
C CYS A 75 4.83 -2.05 5.33
N ALA A 76 4.45 -2.79 4.29
CA ALA A 76 5.42 -3.23 3.30
C ALA A 76 5.90 -1.98 2.57
N HIS A 77 4.97 -1.09 2.21
CA HIS A 77 5.36 0.15 1.55
C HIS A 77 6.28 0.95 2.46
N LEU A 78 5.94 0.99 3.75
CA LEU A 78 6.75 1.72 4.73
C LEU A 78 8.19 1.19 4.72
N LEU A 79 8.33 -0.13 4.62
CA LEU A 79 9.66 -0.75 4.58
C LEU A 79 10.41 -0.21 3.36
N GLY A 80 9.73 -0.12 2.22
CA GLY A 80 10.35 0.41 1.01
C GLY A 80 10.80 1.85 1.22
N HIS A 81 9.92 2.66 1.80
CA HIS A 81 10.20 4.06 2.06
C HIS A 81 11.47 4.17 2.90
N ALA A 82 11.54 3.38 3.96
CA ALA A 82 12.70 3.40 4.84
C ALA A 82 13.97 2.85 4.21
N ILE A 83 13.87 1.71 3.53
CA ILE A 83 15.08 1.12 2.97
C ILE A 83 15.67 1.97 1.83
N LYS A 84 14.83 2.73 1.14
CA LYS A 84 15.34 3.56 0.06
C LYS A 84 16.04 4.80 0.62
N GLN A 85 15.77 5.14 1.89
CA GLN A 85 16.47 6.27 2.50
C GLN A 85 17.83 5.77 2.98
N LEU A 86 17.85 4.59 3.59
CA LEU A 86 19.09 4.03 4.13
C LEU A 86 20.08 3.54 3.09
N TRP A 87 19.57 2.89 2.04
CA TRP A 87 20.40 2.37 0.94
C TRP A 87 19.66 2.73 -0.34
N PRO A 88 19.83 3.97 -0.81
CA PRO A 88 19.17 4.44 -2.02
C PRO A 88 19.28 3.56 -3.27
N HIS A 89 20.35 2.81 -3.40
CA HIS A 89 20.52 1.98 -4.60
C HIS A 89 19.70 0.71 -4.56
N THR A 90 19.06 0.43 -3.42
CA THR A 90 18.23 -0.76 -3.31
C THR A 90 17.15 -0.78 -4.38
N LYS A 91 16.86 -1.96 -4.94
CA LYS A 91 15.76 -2.07 -5.91
C LYS A 91 14.68 -2.91 -5.25
N MET A 92 13.44 -2.44 -5.35
CA MET A 92 12.30 -3.10 -4.75
C MET A 92 11.64 -4.08 -5.71
N ALA A 93 11.40 -5.30 -5.23
CA ALA A 93 10.76 -6.32 -6.06
C ALA A 93 9.31 -6.43 -5.62
N ILE A 94 8.92 -7.55 -5.02
CA ILE A 94 7.53 -7.75 -4.58
C ILE A 94 7.43 -7.73 -3.05
N GLY A 95 6.42 -7.05 -2.53
CA GLY A 95 6.23 -6.96 -1.09
C GLY A 95 4.76 -7.16 -0.75
N PRO A 96 4.34 -8.42 -0.64
CA PRO A 96 2.96 -8.78 -0.34
C PRO A 96 2.65 -9.01 1.13
N VAL A 97 1.36 -9.18 1.41
CA VAL A 97 0.90 -9.49 2.75
C VAL A 97 0.91 -11.01 2.81
N ILE A 98 1.19 -11.56 3.97
CA ILE A 98 1.18 -13.00 4.14
C ILE A 98 0.34 -13.27 5.37
N ASP A 99 0.09 -14.54 5.66
CA ASP A 99 -0.69 -14.88 6.84
C ASP A 99 0.05 -14.34 8.06
N ASN A 100 -0.54 -13.34 8.71
CA ASN A 100 0.03 -12.73 9.91
C ASN A 100 1.28 -11.88 9.68
N GLY A 101 1.25 -11.03 8.65
CA GLY A 101 2.40 -10.18 8.40
C GLY A 101 2.61 -9.78 6.95
N PHE A 102 3.87 -9.55 6.59
CA PHE A 102 4.21 -9.15 5.23
C PHE A 102 5.70 -9.39 5.03
N TYR A 103 6.14 -9.18 3.80
CA TYR A 103 7.58 -9.28 3.51
C TYR A 103 7.85 -8.45 2.28
N TYR A 104 9.12 -8.16 2.04
CA TYR A 104 9.50 -7.43 0.85
C TYR A 104 10.79 -8.04 0.36
N ASP A 105 10.82 -8.37 -0.93
CA ASP A 105 12.03 -8.90 -1.53
C ASP A 105 12.76 -7.70 -2.10
N VAL A 106 14.05 -7.57 -1.78
CA VAL A 106 14.83 -6.43 -2.26
C VAL A 106 16.18 -6.84 -2.84
N ASP A 107 16.69 -6.02 -3.75
CA ASP A 107 18.00 -6.21 -4.39
C ASP A 107 18.92 -5.11 -3.89
N LEU A 108 19.88 -5.46 -3.04
CA LEU A 108 20.84 -4.47 -2.53
C LEU A 108 22.17 -5.19 -2.37
N ASP A 109 23.27 -4.46 -2.56
CA ASP A 109 24.60 -5.06 -2.48
C ASP A 109 25.09 -5.34 -1.07
N ARG A 110 24.36 -4.82 -0.09
CA ARG A 110 24.69 -5.01 1.32
C ARG A 110 23.94 -6.24 1.83
N THR A 111 24.66 -7.26 2.27
CA THR A 111 24.02 -8.44 2.82
C THR A 111 23.62 -8.00 4.21
N LEU A 112 22.33 -7.82 4.43
CA LEU A 112 21.81 -7.34 5.70
C LEU A 112 22.18 -8.12 6.95
N THR A 113 22.74 -7.42 7.92
CA THR A 113 23.12 -8.00 9.20
C THR A 113 21.96 -7.70 10.17
N GLN A 114 21.96 -8.31 11.34
CA GLN A 114 20.88 -8.05 12.29
C GLN A 114 20.85 -6.57 12.65
N GLU A 115 22.03 -5.95 12.71
CA GLU A 115 22.09 -4.53 13.02
C GLU A 115 21.45 -3.71 11.90
N ASP A 116 21.62 -4.16 10.65
CA ASP A 116 21.01 -3.47 9.52
C ASP A 116 19.49 -3.56 9.62
N VAL A 117 18.98 -4.74 9.92
CA VAL A 117 17.55 -4.93 10.06
C VAL A 117 17.00 -4.04 11.18
N GLU A 118 17.73 -3.95 12.29
CA GLU A 118 17.27 -3.11 13.39
C GLU A 118 17.30 -1.63 13.00
N ALA A 119 18.26 -1.24 12.17
CA ALA A 119 18.35 0.15 11.73
C ALA A 119 17.19 0.43 10.79
N LEU A 120 16.85 -0.57 9.98
CA LEU A 120 15.74 -0.43 9.04
C LEU A 120 14.41 -0.27 9.79
N GLU A 121 14.21 -1.10 10.82
CA GLU A 121 12.98 -1.00 11.60
C GLU A 121 12.90 0.34 12.33
N LYS A 122 14.03 0.80 12.86
CA LYS A 122 14.03 2.07 13.56
C LYS A 122 13.59 3.19 12.63
N ARG A 123 14.12 3.19 11.40
CA ARG A 123 13.75 4.22 10.44
C ARG A 123 12.28 4.10 10.07
N MET A 124 11.78 2.88 9.96
CA MET A 124 10.36 2.69 9.65
C MET A 124 9.50 3.33 10.73
N HIS A 125 9.86 3.15 11.99
CA HIS A 125 9.08 3.75 13.08
C HIS A 125 9.13 5.27 13.03
N GLU A 126 10.31 5.82 12.76
CA GLU A 126 10.46 7.26 12.68
C GLU A 126 9.57 7.83 11.58
N LEU A 127 9.57 7.16 10.42
CA LEU A 127 8.78 7.64 9.31
C LEU A 127 7.28 7.50 9.54
N ALA A 128 6.84 6.34 10.03
CA ALA A 128 5.42 6.15 10.27
C ALA A 128 4.88 7.13 11.30
N GLU A 129 5.70 7.45 12.29
CA GLU A 129 5.27 8.35 13.35
C GLU A 129 5.14 9.80 12.94
N LYS A 130 5.52 10.10 11.69
CA LYS A 130 5.35 11.45 11.17
C LYS A 130 3.88 11.60 10.73
N ASN A 131 3.13 10.50 10.72
CA ASN A 131 1.72 10.52 10.33
C ASN A 131 1.48 11.22 8.99
N TYR A 132 2.25 10.86 7.97
CA TYR A 132 2.07 11.49 6.67
C TYR A 132 0.92 10.82 5.91
N ASP A 133 0.29 11.59 5.02
CA ASP A 133 -0.79 11.06 4.20
C ASP A 133 -0.18 10.20 3.08
N VAL A 134 -0.89 9.14 2.72
CA VAL A 134 -0.46 8.31 1.61
C VAL A 134 -1.27 8.88 0.43
N ILE A 135 -0.58 9.29 -0.62
CA ILE A 135 -1.26 9.89 -1.77
C ILE A 135 -1.36 8.89 -2.90
N LYS A 136 -2.58 8.61 -3.34
CA LYS A 136 -2.80 7.65 -4.39
C LYS A 136 -3.10 8.32 -5.72
N LYS A 137 -2.53 7.78 -6.78
CA LYS A 137 -2.80 8.29 -8.10
C LYS A 137 -3.01 7.11 -9.04
N LYS A 138 -4.16 7.06 -9.68
CA LYS A 138 -4.46 5.99 -10.63
C LYS A 138 -3.84 6.49 -11.94
N VAL A 139 -2.98 5.68 -12.54
CA VAL A 139 -2.31 6.09 -13.78
C VAL A 139 -2.35 5.00 -14.84
N SER A 140 -1.93 5.36 -16.04
CA SER A 140 -1.86 4.42 -17.16
C SER A 140 -0.66 3.52 -16.95
N TRP A 141 -0.65 2.39 -17.65
CA TRP A 141 0.45 1.44 -17.59
C TRP A 141 1.75 2.17 -17.96
N HIS A 142 1.67 3.04 -18.96
CA HIS A 142 2.84 3.78 -19.43
C HIS A 142 3.37 4.80 -18.43
N GLU A 143 2.47 5.44 -17.68
CA GLU A 143 2.92 6.42 -16.69
C GLU A 143 3.57 5.67 -15.53
N ALA A 144 3.03 4.50 -15.20
CA ALA A 144 3.60 3.72 -14.11
C ALA A 144 5.02 3.30 -14.50
N ARG A 145 5.17 2.77 -15.71
CA ARG A 145 6.49 2.35 -16.17
C ARG A 145 7.50 3.49 -16.15
N GLU A 146 7.10 4.66 -16.65
CA GLU A 146 7.99 5.81 -16.67
C GLU A 146 8.40 6.19 -15.25
N THR A 147 7.43 6.15 -14.33
CA THR A 147 7.69 6.49 -12.94
C THR A 147 8.79 5.60 -12.35
N PHE A 148 8.71 4.30 -12.58
CA PHE A 148 9.71 3.42 -12.03
C PHE A 148 11.01 3.40 -12.82
N ALA A 149 10.93 3.65 -14.12
CA ALA A 149 12.16 3.69 -14.91
C ALA A 149 12.99 4.88 -14.42
N ASN A 150 12.33 5.99 -14.13
CA ASN A 150 13.04 7.18 -13.68
C ASN A 150 13.69 6.99 -12.31
N ARG A 151 13.21 6.00 -11.56
CA ARG A 151 13.75 5.69 -10.24
C ARG A 151 14.74 4.54 -10.33
N GLY A 152 14.95 4.01 -11.55
CA GLY A 152 15.87 2.90 -11.73
C GLY A 152 15.35 1.61 -11.09
N GLU A 153 14.04 1.52 -10.91
CA GLU A 153 13.44 0.33 -10.29
C GLU A 153 13.13 -0.72 -11.35
N SER A 154 14.16 -1.45 -11.74
CA SER A 154 14.05 -2.44 -12.80
C SER A 154 13.11 -3.61 -12.54
N TYR A 155 12.93 -3.99 -11.27
CA TYR A 155 12.03 -5.09 -10.97
C TYR A 155 10.58 -4.65 -11.14
N LYS A 156 10.28 -3.42 -10.74
CA LYS A 156 8.92 -2.89 -10.90
C LYS A 156 8.64 -2.71 -12.39
N VAL A 157 9.66 -2.30 -13.14
CA VAL A 157 9.50 -2.15 -14.59
C VAL A 157 9.27 -3.53 -15.20
N SER A 158 9.94 -4.55 -14.68
CA SER A 158 9.78 -5.91 -15.20
C SER A 158 8.35 -6.41 -14.92
N ILE A 159 7.81 -6.08 -13.76
CA ILE A 159 6.45 -6.49 -13.41
C ILE A 159 5.50 -5.86 -14.42
N LEU A 160 5.74 -4.60 -14.78
CA LEU A 160 4.90 -3.94 -15.76
C LEU A 160 5.07 -4.57 -17.15
N ASP A 161 6.32 -4.80 -17.55
CA ASP A 161 6.57 -5.38 -18.86
C ASP A 161 6.04 -6.79 -19.06
N GLU A 162 6.10 -7.62 -18.03
CA GLU A 162 5.68 -9.01 -18.17
C GLU A 162 4.40 -9.46 -17.47
N ASN A 163 3.99 -8.75 -16.43
CA ASN A 163 2.84 -9.16 -15.64
C ASN A 163 1.60 -8.31 -15.60
N ILE A 164 1.64 -7.12 -16.16
CA ILE A 164 0.48 -6.24 -16.14
C ILE A 164 0.02 -5.85 -17.54
N ALA A 165 -1.26 -6.12 -17.82
CA ALA A 165 -1.82 -5.78 -19.13
C ALA A 165 -1.62 -4.30 -19.37
N HIS A 166 -1.32 -3.95 -20.62
CA HIS A 166 -1.09 -2.57 -21.02
C HIS A 166 -2.35 -1.70 -20.90
N ASP A 167 -3.51 -2.34 -20.71
CA ASP A 167 -4.73 -1.55 -20.59
C ASP A 167 -5.14 -1.43 -19.13
N ASP A 168 -4.33 -2.00 -18.24
CA ASP A 168 -4.55 -1.93 -16.81
C ASP A 168 -4.16 -0.53 -16.34
N LYS A 169 -4.77 -0.05 -15.26
CA LYS A 169 -4.47 1.25 -14.72
C LYS A 169 -3.88 1.04 -13.33
N PRO A 170 -2.55 0.95 -13.22
CA PRO A 170 -1.94 0.73 -11.91
C PRO A 170 -2.19 1.87 -10.93
N GLY A 171 -2.25 1.51 -9.66
CA GLY A 171 -2.41 2.52 -8.66
C GLY A 171 -1.02 2.80 -8.09
N LEU A 172 -0.64 4.07 -8.08
CA LEU A 172 0.65 4.48 -7.50
C LEU A 172 0.33 5.04 -6.13
N TYR A 173 1.17 4.70 -5.16
CA TYR A 173 0.99 5.18 -3.80
C TYR A 173 2.26 5.90 -3.39
N PHE A 174 2.10 7.19 -3.08
CA PHE A 174 3.22 8.03 -2.70
C PHE A 174 3.33 8.20 -1.20
N HIS A 175 4.51 7.89 -0.68
CA HIS A 175 4.83 8.02 0.74
C HIS A 175 5.97 9.02 0.74
N GLU A 176 5.61 10.30 0.81
CA GLU A 176 6.60 11.37 0.76
C GLU A 176 7.35 11.20 -0.57
N GLU A 177 8.66 11.01 -0.53
CA GLU A 177 9.43 10.85 -1.77
C GLU A 177 9.42 9.43 -2.34
N TYR A 178 8.91 8.47 -1.57
CA TYR A 178 8.86 7.08 -2.01
C TYR A 178 7.60 6.83 -2.80
N VAL A 179 7.65 5.89 -3.74
CA VAL A 179 6.48 5.53 -4.52
C VAL A 179 6.44 4.02 -4.73
N ASP A 180 5.25 3.44 -4.55
CA ASP A 180 5.08 2.01 -4.78
C ASP A 180 3.86 1.83 -5.69
N MET A 181 3.59 0.59 -6.08
CA MET A 181 2.50 0.28 -7.01
C MET A 181 1.69 -0.89 -6.51
N CYS A 182 0.37 -0.80 -6.60
CA CYS A 182 -0.45 -1.86 -6.06
C CYS A 182 -1.91 -1.72 -6.46
N ARG A 183 -2.68 -2.78 -6.24
CA ARG A 183 -4.11 -2.73 -6.49
C ARG A 183 -4.72 -2.18 -5.21
N GLY A 184 -3.99 -2.32 -4.10
CA GLY A 184 -4.45 -1.83 -2.82
C GLY A 184 -5.68 -2.56 -2.30
N PRO A 185 -6.45 -1.94 -1.40
CA PRO A 185 -6.23 -0.60 -0.85
C PRO A 185 -5.04 -0.48 0.08
N HIS A 186 -4.68 0.76 0.37
CA HIS A 186 -3.62 1.09 1.31
C HIS A 186 -4.20 2.08 2.31
N VAL A 187 -3.51 2.28 3.43
CA VAL A 187 -4.02 3.20 4.43
C VAL A 187 -4.02 4.61 3.88
N PRO A 188 -4.86 5.48 4.42
CA PRO A 188 -4.92 6.87 3.95
C PRO A 188 -3.82 7.74 4.60
N ASN A 189 -3.31 7.27 5.74
CA ASN A 189 -2.31 8.02 6.51
C ASN A 189 -1.55 6.99 7.34
N MET A 190 -0.27 7.24 7.58
CA MET A 190 0.53 6.28 8.32
C MET A 190 0.26 6.20 9.82
N ARG A 191 -0.68 7.01 10.30
CA ARG A 191 -1.03 6.95 11.72
C ARG A 191 -1.65 5.58 12.02
N PHE A 192 -2.09 4.88 10.98
CA PHE A 192 -2.68 3.55 11.13
C PHE A 192 -1.61 2.45 11.15
N CYS A 193 -0.36 2.81 10.89
CA CYS A 193 0.73 1.82 10.83
C CYS A 193 1.83 2.01 11.86
N HIS A 194 1.47 2.18 13.13
CA HIS A 194 2.49 2.35 14.15
C HIS A 194 2.90 1.05 14.83
N HIS A 195 2.08 0.03 14.70
CA HIS A 195 2.34 -1.25 15.36
C HIS A 195 2.84 -2.34 14.42
N PHE A 196 4.16 -2.50 14.37
CA PHE A 196 4.78 -3.50 13.52
C PHE A 196 6.17 -3.79 14.03
N LYS A 197 6.78 -4.83 13.47
CA LYS A 197 8.13 -5.19 13.82
C LYS A 197 8.72 -5.98 12.67
N LEU A 198 10.03 -5.91 12.51
CA LEU A 198 10.65 -6.70 11.47
C LEU A 198 11.13 -7.95 12.17
N MET A 199 11.17 -9.05 11.43
CA MET A 199 11.55 -10.32 12.03
C MET A 199 12.86 -10.81 11.45
N LYS A 200 12.79 -11.83 10.60
CA LYS A 200 14.00 -12.40 10.01
C LYS A 200 14.13 -12.09 8.53
N THR A 201 15.29 -12.42 7.97
CA THR A 201 15.52 -12.25 6.55
C THR A 201 15.86 -13.63 6.00
N ALA A 202 15.64 -13.81 4.71
CA ALA A 202 15.93 -15.07 4.03
C ALA A 202 16.26 -14.73 2.59
N GLY A 203 16.60 -15.73 1.80
CA GLY A 203 16.91 -15.50 0.40
C GLY A 203 15.79 -16.02 -0.47
N ALA A 204 15.60 -15.42 -1.63
CA ALA A 204 14.55 -15.84 -2.57
C ALA A 204 14.93 -15.42 -3.99
N TYR A 205 14.98 -16.38 -4.91
CA TYR A 205 15.32 -16.06 -6.29
C TYR A 205 14.23 -15.23 -6.93
N TRP A 206 14.62 -14.24 -7.72
CA TRP A 206 13.65 -13.40 -8.43
C TRP A 206 12.84 -14.33 -9.34
N ARG A 207 11.51 -14.27 -9.21
CA ARG A 207 10.58 -15.08 -9.98
C ARG A 207 10.78 -16.59 -9.78
N GLY A 208 11.45 -16.94 -8.68
CA GLY A 208 11.69 -18.34 -8.35
C GLY A 208 12.55 -19.06 -9.37
N ASP A 209 13.27 -18.31 -10.19
CA ASP A 209 14.13 -18.89 -11.22
C ASP A 209 15.60 -18.78 -10.78
N SER A 210 16.27 -19.91 -10.61
CA SER A 210 17.67 -19.92 -10.19
C SER A 210 18.62 -19.30 -11.21
N ASN A 211 18.09 -18.95 -12.37
CA ASN A 211 18.92 -18.30 -13.39
C ASN A 211 18.96 -16.82 -13.04
N ASN A 212 17.98 -16.39 -12.27
CA ASN A 212 17.89 -14.98 -11.87
C ASN A 212 18.66 -14.68 -10.58
N LYS A 213 18.63 -13.41 -10.19
CA LYS A 213 19.33 -12.97 -8.99
C LYS A 213 18.67 -13.43 -7.70
N MET A 214 19.50 -13.77 -6.72
CA MET A 214 19.03 -14.19 -5.41
C MET A 214 18.77 -12.90 -4.63
N LEU A 215 17.51 -12.63 -4.29
CA LEU A 215 17.16 -11.42 -3.55
C LEU A 215 17.10 -11.69 -2.05
N GLN A 216 16.99 -10.63 -1.26
CA GLN A 216 16.88 -10.77 0.19
C GLN A 216 15.43 -10.51 0.54
N ARG A 217 14.82 -11.42 1.28
CA ARG A 217 13.44 -11.29 1.69
C ARG A 217 13.42 -10.84 3.14
N ILE A 218 12.79 -9.70 3.40
CA ILE A 218 12.72 -9.15 4.75
C ILE A 218 11.30 -9.33 5.26
N TYR A 219 11.14 -10.14 6.31
CA TYR A 219 9.83 -10.42 6.92
C TYR A 219 9.48 -9.50 8.07
N GLY A 220 8.19 -9.22 8.20
CA GLY A 220 7.73 -8.38 9.29
C GLY A 220 6.29 -8.73 9.58
N THR A 221 5.74 -8.10 10.61
CA THR A 221 4.34 -8.32 10.94
C THR A 221 3.82 -7.00 11.46
N ALA A 222 2.51 -6.85 11.44
CA ALA A 222 1.89 -5.64 11.92
C ALA A 222 0.53 -5.99 12.47
N TRP A 223 0.00 -5.11 13.32
CA TRP A 223 -1.30 -5.34 13.92
C TRP A 223 -1.97 -4.00 14.14
N ALA A 224 -3.26 -4.03 14.48
CA ALA A 224 -4.02 -2.79 14.70
C ALA A 224 -3.52 -1.99 15.89
#